data_6BQY
#
_entry.id   6BQY
#
_cell.length_a   53.370
_cell.length_b   56.620
_cell.length_c   64.070
_cell.angle_alpha   87.950
_cell.angle_beta   113.850
_cell.angle_gamma   109.520
#
_symmetry.space_group_name_H-M   'P 1'
#
loop_
_entity.id
_entity.type
_entity.pdbx_description
1 polymer 'Tyrosine--tRNA ligase'
2 non-polymer 1,2-ETHANEDIOL
3 water water
#
_entity_poly.entity_id   1
_entity_poly.type   'polypeptide(L)'
_entity_poly.pdbx_seq_one_letter_code
;MAHHHHHHLPAEEQLALIQRGTHEIISEEDLLKKLKENRPLKIKAGFDPTAPDLHLGHTVLINKLKTFQDLGHEVTFLIG
DYTAMIGDPTGKSATRPPLSREQVEANAKTYQEQVFKILDPNKTKVRFNSEWFNQKSAADLIQLASQQTVSRMLERDDFT
KRYNNHQPIAIHEFLYPLVQGYDSIALEADVELGGTDQTFNLLMGRTLQSRYGQESQVCITVPILEGLDGVNKMSKSLGN
YIGVFDAPGAMYQKVLSMPDSLIERYFDLLSFKSLDEIKALLDEIAAGRNPQEVKRILALELVERFHDAEAAANAHKSAG
NRITEGEVPADTPEVTISRGEFGGEIFIATILRVAGLNPNAAAAKDAVARGAVKVDWNVVDASFSVKENGTFIIQSGKKA
IARVTFTD
;
_entity_poly.pdbx_strand_id   A,B
#
loop_
_chem_comp.id
_chem_comp.type
_chem_comp.name
_chem_comp.formula
EDO non-polymer 1,2-ETHANEDIOL 'C2 H6 O2'
#
# COMPACT_ATOMS: atom_id res chain seq x y z
N HIS A 7 4.55 -0.74 -10.90
CA HIS A 7 3.96 0.60 -10.80
C HIS A 7 2.69 0.61 -9.96
N HIS A 8 1.55 0.32 -10.57
CA HIS A 8 0.29 0.30 -9.82
C HIS A 8 0.30 -0.88 -8.86
N LEU A 9 0.01 -0.61 -7.59
CA LEU A 9 0.05 -1.71 -6.62
C LEU A 9 -0.94 -2.80 -7.05
N PRO A 10 -0.65 -4.06 -6.70
CA PRO A 10 -1.66 -5.11 -6.90
C PRO A 10 -3.00 -4.70 -6.30
N ALA A 11 -4.09 -5.07 -6.96
CA ALA A 11 -5.41 -4.57 -6.55
C ALA A 11 -5.78 -5.03 -5.15
N GLU A 12 -5.37 -6.24 -4.77
CA GLU A 12 -5.67 -6.75 -3.43
C GLU A 12 -5.09 -5.84 -2.35
N GLU A 13 -3.90 -5.27 -2.59
CA GLU A 13 -3.27 -4.38 -1.62
C GLU A 13 -3.90 -2.98 -1.66
N GLN A 14 -4.24 -2.49 -2.85
CA GLN A 14 -5.00 -1.23 -2.92
C GLN A 14 -6.28 -1.34 -2.09
N LEU A 15 -7.02 -2.43 -2.27
CA LEU A 15 -8.28 -2.62 -1.54
C LEU A 15 -8.06 -2.67 -0.03
N ALA A 16 -6.89 -3.12 0.42
CA ALA A 16 -6.61 -3.15 1.85
C ALA A 16 -6.40 -1.74 2.40
N LEU A 17 -5.76 -0.86 1.62
CA LEU A 17 -5.55 0.51 2.08
C LEU A 17 -6.81 1.34 1.95
N ILE A 18 -7.65 1.05 0.96
CA ILE A 18 -8.90 1.79 0.77
C ILE A 18 -9.93 1.40 1.84
N GLN A 19 -10.00 0.11 2.18
CA GLN A 19 -11.05 -0.38 3.08
C GLN A 19 -10.90 0.13 4.51
N ARG A 20 -9.71 0.51 4.95
CA ARG A 20 -9.51 0.86 6.35
C ARG A 20 -10.13 2.21 6.68
N GLY A 21 -10.86 2.26 7.79
CA GLY A 21 -11.48 3.49 8.24
C GLY A 21 -12.77 3.84 7.56
N THR A 22 -13.28 2.99 6.66
CA THR A 22 -14.52 3.25 5.95
C THR A 22 -15.69 2.55 6.62
N HIS A 23 -16.87 3.14 6.48
CA HIS A 23 -18.07 2.58 7.09
C HIS A 23 -18.79 1.60 6.16
N GLU A 24 -18.76 1.84 4.86
CA GLU A 24 -19.45 0.99 3.91
C GLU A 24 -18.89 1.20 2.51
N ILE A 25 -18.77 0.11 1.76
CA ILE A 25 -18.37 0.14 0.36
C ILE A 25 -19.44 -0.60 -0.41
N ILE A 26 -20.11 0.08 -1.34
CA ILE A 26 -21.25 -0.50 -2.04
C ILE A 26 -20.70 -1.26 -3.25
N SER A 27 -20.65 -2.58 -3.11
CA SER A 27 -19.96 -3.55 -3.98
C SER A 27 -18.46 -3.33 -3.95
N GLU A 28 -17.78 -3.96 -2.98
CA GLU A 28 -16.35 -4.19 -3.13
C GLU A 28 -16.08 -5.03 -4.37
N GLU A 29 -17.00 -5.94 -4.70
CA GLU A 29 -16.92 -6.69 -5.95
C GLU A 29 -16.75 -5.76 -7.15
N ASP A 30 -17.40 -4.60 -7.11
CA ASP A 30 -17.21 -3.61 -8.16
C ASP A 30 -15.91 -2.84 -7.99
N LEU A 31 -15.48 -2.60 -6.75
CA LEU A 31 -14.22 -1.89 -6.51
C LEU A 31 -13.02 -2.74 -6.94
N LEU A 32 -13.01 -4.00 -6.54
CA LEU A 32 -11.89 -4.87 -6.93
C LEU A 32 -11.76 -4.93 -8.44
N LYS A 33 -12.89 -5.01 -9.15
CA LYS A 33 -12.86 -5.06 -10.62
C LYS A 33 -12.27 -3.79 -11.20
N LYS A 34 -12.59 -2.63 -10.63
CA LYS A 34 -12.01 -1.39 -11.11
C LYS A 34 -10.50 -1.34 -10.84
N LEU A 35 -10.06 -1.80 -9.66
CA LEU A 35 -8.63 -1.76 -9.34
C LEU A 35 -7.85 -2.80 -10.15
N LYS A 36 -8.45 -3.96 -10.40
CA LYS A 36 -7.79 -4.93 -11.28
C LYS A 36 -7.66 -4.42 -12.71
N GLU A 37 -8.48 -3.43 -13.10
CA GLU A 37 -8.31 -2.82 -14.42
C GLU A 37 -6.99 -2.09 -14.55
N ASN A 38 -6.34 -1.77 -13.43
CA ASN A 38 -5.01 -1.16 -13.42
C ASN A 38 -5.00 0.14 -14.22
N ARG A 39 -5.87 1.06 -13.83
CA ARG A 39 -5.94 2.37 -14.45
C ARG A 39 -6.24 3.39 -13.38
N PRO A 40 -5.94 4.67 -13.63
CA PRO A 40 -6.32 5.72 -12.65
C PRO A 40 -7.82 5.89 -12.55
N LEU A 41 -8.40 5.42 -11.46
CA LEU A 41 -9.82 5.61 -11.23
C LEU A 41 -10.11 7.08 -10.95
N LYS A 42 -11.24 7.57 -11.45
CA LYS A 42 -11.67 8.94 -11.22
C LYS A 42 -12.43 9.01 -9.90
N ILE A 43 -11.92 9.81 -8.96
CA ILE A 43 -12.38 9.83 -7.57
C ILE A 43 -13.11 11.16 -7.34
N LYS A 44 -14.39 11.10 -7.02
CA LYS A 44 -15.22 12.28 -6.85
C LYS A 44 -15.51 12.50 -5.38
N ALA A 45 -15.27 13.71 -4.89
CA ALA A 45 -15.72 14.12 -3.56
C ALA A 45 -16.34 15.49 -3.66
N GLY A 46 -17.61 15.61 -3.25
CA GLY A 46 -18.38 16.83 -3.46
C GLY A 46 -18.54 17.63 -2.17
N PHE A 47 -18.51 18.95 -2.31
CA PHE A 47 -18.62 19.85 -1.14
C PHE A 47 -19.55 21.01 -1.43
N ASP A 48 -20.48 21.25 -0.50
CA ASP A 48 -21.36 22.42 -0.61
C ASP A 48 -20.62 23.67 -0.18
N PRO A 49 -20.66 24.75 -0.95
CA PRO A 49 -19.79 25.89 -0.65
C PRO A 49 -20.39 26.94 0.27
N THR A 50 -21.33 26.59 1.16
CA THR A 50 -21.95 27.61 2.00
C THR A 50 -21.17 27.87 3.29
N ALA A 51 -20.56 26.84 3.89
CA ALA A 51 -19.83 27.03 5.14
C ALA A 51 -18.58 27.87 4.92
N PRO A 52 -18.17 28.64 5.93
CA PRO A 52 -16.90 29.38 5.81
C PRO A 52 -15.66 28.48 5.71
N ASP A 53 -15.69 27.23 6.21
CA ASP A 53 -14.56 26.33 6.00
C ASP A 53 -15.02 24.88 6.15
N LEU A 54 -14.06 23.96 5.96
CA LEU A 54 -14.28 22.55 6.25
C LEU A 54 -13.94 22.29 7.70
N HIS A 55 -14.93 21.89 8.49
CA HIS A 55 -14.65 21.62 9.90
C HIS A 55 -13.75 20.38 10.01
N LEU A 56 -13.04 20.29 11.13
CA LEU A 56 -11.97 19.30 11.27
C LEU A 56 -12.47 17.86 11.22
N GLY A 57 -13.79 17.64 11.18
CA GLY A 57 -14.36 16.31 11.05
C GLY A 57 -14.28 15.72 9.68
N HIS A 58 -13.90 16.53 8.68
CA HIS A 58 -13.65 16.04 7.34
C HIS A 58 -12.31 15.35 7.20
N THR A 59 -11.47 15.37 8.24
CA THR A 59 -10.08 14.97 8.11
C THR A 59 -9.94 13.52 7.62
N VAL A 60 -10.74 12.60 8.17
CA VAL A 60 -10.70 11.22 7.70
C VAL A 60 -10.99 11.18 6.20
N LEU A 61 -12.06 11.87 5.77
CA LEU A 61 -12.44 11.87 4.36
C LEU A 61 -11.30 12.38 3.48
N ILE A 62 -10.69 13.50 3.88
CA ILE A 62 -9.62 14.05 3.06
C ILE A 62 -8.42 13.13 3.04
N ASN A 63 -8.13 12.47 4.18
CA ASN A 63 -7.03 11.49 4.22
C ASN A 63 -7.31 10.28 3.33
N LYS A 64 -8.58 9.94 3.12
CA LYS A 64 -8.92 8.83 2.23
C LYS A 64 -8.74 9.23 0.77
N LEU A 65 -9.07 10.46 0.42
CA LEU A 65 -8.72 11.00 -0.88
C LEU A 65 -7.21 10.99 -1.08
N LYS A 66 -6.47 11.29 -0.01
CA LYS A 66 -5.01 11.19 -0.03
C LYS A 66 -4.54 9.76 -0.32
N THR A 67 -5.22 8.76 0.24
CA THR A 67 -4.85 7.37 -0.06
C THR A 67 -5.07 7.04 -1.53
N PHE A 68 -6.20 7.49 -2.09
CA PHE A 68 -6.48 7.27 -3.50
C PHE A 68 -5.44 7.95 -4.38
N GLN A 69 -5.09 9.18 -4.06
CA GLN A 69 -4.10 9.91 -4.85
C GLN A 69 -2.71 9.31 -4.70
N ASP A 70 -2.36 8.83 -3.50
CA ASP A 70 -1.05 8.19 -3.31
C ASP A 70 -0.96 6.90 -4.11
N LEU A 71 -2.08 6.19 -4.24
CA LEU A 71 -2.18 4.95 -5.01
C LEU A 71 -2.27 5.20 -6.50
N GLY A 72 -2.29 6.46 -6.93
CA GLY A 72 -2.19 6.79 -8.35
C GLY A 72 -3.48 7.23 -9.02
N HIS A 73 -4.61 7.25 -8.32
CA HIS A 73 -5.89 7.61 -8.92
C HIS A 73 -6.11 9.12 -8.87
N GLU A 74 -7.07 9.59 -9.66
CA GLU A 74 -7.27 11.01 -9.90
C GLU A 74 -8.41 11.49 -9.03
N VAL A 75 -8.09 12.34 -8.07
CA VAL A 75 -9.08 12.92 -7.16
C VAL A 75 -9.65 14.17 -7.81
N THR A 76 -10.97 14.23 -7.94
CA THR A 76 -11.66 15.45 -8.32
C THR A 76 -12.30 16.01 -7.07
N PHE A 77 -11.93 17.24 -6.74
CA PHE A 77 -12.51 17.98 -5.63
C PHE A 77 -13.62 18.85 -6.21
N LEU A 78 -14.87 18.50 -5.91
CA LEU A 78 -16.03 19.04 -6.60
C LEU A 78 -16.76 20.05 -5.72
N ILE A 79 -16.95 21.26 -6.22
CA ILE A 79 -17.71 22.30 -5.51
C ILE A 79 -19.14 22.30 -6.06
N GLY A 80 -20.10 21.92 -5.22
CA GLY A 80 -21.48 21.98 -5.63
C GLY A 80 -22.05 23.39 -5.60
N ASP A 81 -21.54 24.26 -6.49
CA ASP A 81 -21.98 25.65 -6.52
C ASP A 81 -23.30 25.88 -7.25
N TYR A 82 -23.71 24.97 -8.15
CA TYR A 82 -24.85 25.25 -9.03
C TYR A 82 -26.13 25.49 -8.24
N THR A 83 -26.48 24.56 -7.34
CA THR A 83 -27.73 24.67 -6.62
C THR A 83 -27.69 25.75 -5.56
N ALA A 84 -26.51 26.11 -5.08
CA ALA A 84 -26.40 27.13 -4.06
C ALA A 84 -26.54 28.53 -4.62
N MET A 85 -26.34 28.71 -5.92
CA MET A 85 -26.42 30.02 -6.54
C MET A 85 -27.80 30.33 -7.14
N ILE A 86 -28.78 29.44 -6.98
CA ILE A 86 -30.13 29.68 -7.52
C ILE A 86 -31.05 30.11 -6.39
N GLY A 87 -31.71 31.25 -6.55
CA GLY A 87 -32.59 31.72 -5.50
C GLY A 87 -34.04 31.77 -5.89
N ASP A 88 -34.81 32.57 -5.16
CA ASP A 88 -36.24 32.64 -5.38
C ASP A 88 -36.57 33.58 -6.54
N PRO A 89 -37.66 33.30 -7.25
CA PRO A 89 -38.25 34.35 -8.09
C PRO A 89 -38.75 35.49 -7.20
N THR A 90 -38.67 36.70 -7.74
CA THR A 90 -39.17 37.88 -7.02
C THR A 90 -40.70 37.86 -6.92
N THR A 95 -37.48 37.43 0.67
CA THR A 95 -36.83 36.20 0.26
C THR A 95 -35.31 36.26 0.47
N ARG A 96 -34.80 35.40 1.35
CA ARG A 96 -33.36 35.37 1.60
C ARG A 96 -32.62 35.01 0.32
N PRO A 97 -31.45 35.59 0.10
CA PRO A 97 -30.78 35.47 -1.20
C PRO A 97 -29.93 34.21 -1.28
N PRO A 98 -29.64 33.73 -2.48
CA PRO A 98 -28.68 32.65 -2.65
C PRO A 98 -27.26 33.18 -2.58
N LEU A 99 -26.29 32.25 -2.57
CA LEU A 99 -24.88 32.59 -2.56
C LEU A 99 -24.52 33.34 -3.83
N SER A 100 -23.83 34.46 -3.70
CA SER A 100 -23.26 35.07 -4.89
C SER A 100 -22.13 34.18 -5.43
N ARG A 101 -21.74 34.44 -6.68
CA ARG A 101 -20.52 33.81 -7.20
C ARG A 101 -19.31 34.24 -6.37
N GLU A 102 -19.31 35.49 -5.91
CA GLU A 102 -18.22 35.99 -5.09
C GLU A 102 -18.11 35.21 -3.79
N GLN A 103 -19.25 34.77 -3.24
CA GLN A 103 -19.21 33.99 -2.01
C GLN A 103 -18.71 32.56 -2.29
N VAL A 104 -19.16 31.96 -3.40
CA VAL A 104 -18.70 30.63 -3.76
C VAL A 104 -17.19 30.63 -3.94
N GLU A 105 -16.68 31.57 -4.74
CA GLU A 105 -15.25 31.61 -5.03
C GLU A 105 -14.43 31.92 -3.78
N ALA A 106 -14.96 32.73 -2.87
CA ALA A 106 -14.21 33.03 -1.66
C ALA A 106 -14.23 31.86 -0.70
N ASN A 107 -15.37 31.18 -0.55
CA ASN A 107 -15.43 30.04 0.35
C ASN A 107 -14.62 28.87 -0.22
N ALA A 108 -14.69 28.67 -1.54
CA ALA A 108 -13.94 27.58 -2.16
C ALA A 108 -12.44 27.79 -2.03
N LYS A 109 -11.98 29.05 -2.08
CA LYS A 109 -10.57 29.34 -1.88
C LYS A 109 -10.11 28.89 -0.50
N THR A 110 -10.94 29.11 0.53
CA THR A 110 -10.58 28.68 1.87
C THR A 110 -10.54 27.16 1.98
N TYR A 111 -11.50 26.48 1.36
CA TYR A 111 -11.48 25.02 1.32
C TYR A 111 -10.19 24.52 0.69
N GLN A 112 -9.79 25.13 -0.43
CA GLN A 112 -8.62 24.63 -1.14
C GLN A 112 -7.35 24.79 -0.31
N GLU A 113 -7.21 25.91 0.41
CA GLU A 113 -6.03 26.09 1.25
C GLU A 113 -6.04 25.09 2.41
N GLN A 114 -7.21 24.72 2.90
CA GLN A 114 -7.27 23.65 3.90
C GLN A 114 -6.87 22.31 3.30
N VAL A 115 -7.53 21.91 2.21
CA VAL A 115 -7.38 20.56 1.66
C VAL A 115 -5.97 20.33 1.16
N PHE A 116 -5.32 21.36 0.63
CA PHE A 116 -4.02 21.21 0.00
C PHE A 116 -2.87 21.31 1.01
N LYS A 117 -3.19 21.37 2.30
CA LYS A 117 -2.23 20.96 3.31
C LYS A 117 -2.12 19.44 3.37
N ILE A 118 -3.05 18.71 2.75
CA ILE A 118 -3.03 17.26 2.77
C ILE A 118 -2.85 16.72 1.35
N LEU A 119 -3.76 17.06 0.43
CA LEU A 119 -3.59 16.60 -0.94
C LEU A 119 -2.57 17.46 -1.68
N ASP A 120 -2.02 16.87 -2.76
CA ASP A 120 -1.13 17.56 -3.69
C ASP A 120 -1.96 18.32 -4.72
N PRO A 121 -1.75 19.63 -4.87
CA PRO A 121 -2.53 20.39 -5.85
C PRO A 121 -2.21 20.03 -7.29
N ASN A 122 -1.01 19.56 -7.59
CA ASN A 122 -0.68 19.21 -8.96
C ASN A 122 -1.26 17.87 -9.40
N LYS A 123 -1.99 17.18 -8.52
CA LYS A 123 -2.52 15.85 -8.81
C LYS A 123 -4.01 15.76 -8.50
N THR A 124 -4.62 16.90 -8.16
CA THR A 124 -6.01 17.03 -7.76
C THR A 124 -6.71 17.94 -8.76
N LYS A 125 -7.90 17.55 -9.16
CA LYS A 125 -8.74 18.39 -10.01
C LYS A 125 -9.75 19.11 -9.14
N VAL A 126 -9.83 20.42 -9.27
CA VAL A 126 -10.85 21.20 -8.57
C VAL A 126 -11.89 21.64 -9.59
N ARG A 127 -13.15 21.27 -9.37
CA ARG A 127 -14.18 21.60 -10.33
C ARG A 127 -15.46 22.07 -9.64
N PHE A 128 -16.25 22.83 -10.39
CA PHE A 128 -17.50 23.43 -9.93
C PHE A 128 -18.62 22.87 -10.81
N ASN A 129 -19.65 22.30 -10.19
CA ASN A 129 -20.59 21.57 -11.03
C ASN A 129 -21.47 22.48 -11.88
N SER A 130 -21.46 23.79 -11.63
CA SER A 130 -22.09 24.70 -12.60
C SER A 130 -21.41 24.62 -13.96
N GLU A 131 -20.22 23.99 -14.04
CA GLU A 131 -19.48 23.93 -15.29
C GLU A 131 -20.27 23.19 -16.37
N TRP A 132 -20.89 22.06 -16.01
CA TRP A 132 -21.79 21.41 -16.95
C TRP A 132 -23.23 21.84 -16.75
N PHE A 133 -23.63 22.20 -15.52
CA PHE A 133 -25.04 22.42 -15.28
C PHE A 133 -25.54 23.78 -15.74
N ASN A 134 -24.66 24.77 -15.91
CA ASN A 134 -25.10 26.03 -16.49
C ASN A 134 -25.65 25.83 -17.90
N GLN A 135 -25.18 24.80 -18.61
CA GLN A 135 -25.54 24.55 -20.00
C GLN A 135 -26.74 23.61 -20.14
N LYS A 136 -27.23 23.04 -19.05
CA LYS A 136 -28.41 22.19 -19.10
C LYS A 136 -29.68 23.03 -19.23
N SER A 137 -30.58 22.58 -20.10
CA SER A 137 -31.89 23.17 -20.29
C SER A 137 -32.89 22.64 -19.26
N ALA A 138 -34.06 23.29 -19.21
CA ALA A 138 -35.16 22.76 -18.41
C ALA A 138 -35.54 21.36 -18.88
N ALA A 139 -35.53 21.13 -20.19
CA ALA A 139 -35.87 19.81 -20.71
C ALA A 139 -34.86 18.75 -20.24
N ASP A 140 -33.58 19.13 -20.10
CA ASP A 140 -32.58 18.19 -19.58
C ASP A 140 -32.91 17.77 -18.14
N LEU A 141 -33.36 18.71 -17.31
CA LEU A 141 -33.72 18.39 -15.92
C LEU A 141 -34.98 17.55 -15.82
N ILE A 142 -35.93 17.75 -16.75
CA ILE A 142 -37.10 16.88 -16.78
C ILE A 142 -36.71 15.45 -17.13
N GLN A 143 -35.83 15.30 -18.12
CA GLN A 143 -35.30 13.97 -18.45
C GLN A 143 -34.70 13.32 -17.21
N LEU A 144 -33.87 14.08 -16.50
CA LEU A 144 -33.26 13.58 -15.28
C LEU A 144 -34.32 13.14 -14.28
N ALA A 145 -35.31 14.02 -14.03
CA ALA A 145 -36.32 13.78 -13.01
C ALA A 145 -37.18 12.56 -13.32
N SER A 146 -37.33 12.17 -14.58
CA SER A 146 -38.08 10.97 -14.90
C SER A 146 -37.38 9.68 -14.50
N GLN A 147 -36.14 9.74 -13.98
CA GLN A 147 -35.38 8.54 -13.70
C GLN A 147 -35.49 8.08 -12.26
N GLN A 148 -36.28 8.78 -11.42
CA GLN A 148 -36.47 8.40 -10.04
C GLN A 148 -37.92 8.65 -9.65
N THR A 149 -38.42 7.83 -8.73
CA THR A 149 -39.80 7.94 -8.28
C THR A 149 -39.91 8.80 -7.03
N VAL A 150 -41.08 9.44 -6.87
CA VAL A 150 -41.36 10.20 -5.66
C VAL A 150 -41.25 9.32 -4.42
N SER A 151 -41.65 8.05 -4.54
CA SER A 151 -41.60 7.15 -3.39
C SER A 151 -40.17 6.89 -2.93
N ARG A 152 -39.22 6.78 -3.87
CA ARG A 152 -37.84 6.56 -3.48
CA ARG A 152 -37.82 6.55 -3.50
C ARG A 152 -37.21 7.79 -2.86
N MET A 153 -37.56 8.99 -3.37
CA MET A 153 -37.03 10.21 -2.78
C MET A 153 -37.48 10.37 -1.34
N LEU A 154 -38.73 10.01 -1.05
CA LEU A 154 -39.26 10.09 0.29
C LEU A 154 -38.66 9.05 1.22
N GLU A 155 -37.85 8.13 0.71
CA GLU A 155 -37.17 7.15 1.54
C GLU A 155 -35.92 7.71 2.20
N ARG A 156 -35.42 8.85 1.72
CA ARG A 156 -34.30 9.50 2.39
C ARG A 156 -34.70 9.93 3.79
N ASP A 157 -33.78 9.75 4.74
CA ASP A 157 -34.11 9.92 6.15
C ASP A 157 -34.69 11.30 6.44
N ASP A 158 -34.02 12.36 5.97
CA ASP A 158 -34.47 13.71 6.27
C ASP A 158 -35.82 14.01 5.64
N PHE A 159 -36.11 13.39 4.50
CA PHE A 159 -37.43 13.56 3.89
C PHE A 159 -38.48 12.76 4.64
N THR A 160 -38.10 11.60 5.18
CA THR A 160 -39.08 10.76 5.85
C THR A 160 -39.59 11.40 7.14
N LYS A 161 -38.69 12.02 7.90
CA LYS A 161 -39.10 12.67 9.15
C LYS A 161 -39.98 13.88 8.88
N ARG A 162 -39.56 14.73 7.93
CA ARG A 162 -40.32 15.95 7.65
C ARG A 162 -41.71 15.61 7.12
N TYR A 163 -41.80 14.59 6.26
CA TYR A 163 -43.10 14.23 5.70
C TYR A 163 -44.04 13.70 6.78
N ASN A 164 -43.53 12.87 7.69
CA ASN A 164 -44.38 12.32 8.74
C ASN A 164 -44.70 13.36 9.82
N ASN A 165 -43.74 14.23 10.14
CA ASN A 165 -44.02 15.38 10.99
C ASN A 165 -44.79 16.48 10.23
N HIS A 166 -45.29 16.13 9.04
CA HIS A 166 -46.12 17.01 8.21
C HIS A 166 -45.46 18.36 8.00
N GLN A 167 -44.13 18.36 7.78
CA GLN A 167 -43.36 19.54 7.43
C GLN A 167 -43.21 19.64 5.92
N PRO A 168 -43.41 20.81 5.33
CA PRO A 168 -43.41 20.89 3.86
C PRO A 168 -42.04 20.60 3.27
N ILE A 169 -42.05 19.82 2.20
CA ILE A 169 -40.88 19.57 1.37
C ILE A 169 -41.12 20.23 0.01
N ALA A 170 -40.39 21.29 -0.29
CA ALA A 170 -40.47 21.89 -1.62
C ALA A 170 -39.99 20.89 -2.67
N ILE A 171 -40.44 21.08 -3.91
CA ILE A 171 -40.23 20.04 -4.93
C ILE A 171 -38.81 20.07 -5.47
N HIS A 172 -38.18 21.25 -5.56
CA HIS A 172 -36.80 21.30 -6.01
C HIS A 172 -35.85 20.55 -5.08
N GLU A 173 -36.23 20.35 -3.81
CA GLU A 173 -35.43 19.51 -2.93
C GLU A 173 -35.36 18.07 -3.41
N PHE A 174 -36.32 17.62 -4.22
CA PHE A 174 -36.22 16.31 -4.85
C PHE A 174 -35.31 16.33 -6.07
N LEU A 175 -34.95 17.50 -6.56
CA LEU A 175 -34.09 17.57 -7.74
C LEU A 175 -32.62 17.65 -7.39
N TYR A 176 -32.29 18.10 -6.17
CA TYR A 176 -30.89 18.19 -5.74
C TYR A 176 -30.15 16.85 -5.76
N PRO A 177 -30.69 15.76 -5.21
CA PRO A 177 -29.98 14.47 -5.36
C PRO A 177 -29.80 14.06 -6.81
N LEU A 178 -30.75 14.39 -7.69
CA LEU A 178 -30.57 14.09 -9.11
C LEU A 178 -29.42 14.91 -9.70
N VAL A 179 -29.26 16.15 -9.24
CA VAL A 179 -28.10 16.96 -9.63
C VAL A 179 -26.79 16.28 -9.21
N GLN A 180 -26.74 15.80 -7.96
CA GLN A 180 -25.50 15.18 -7.48
C GLN A 180 -25.19 13.89 -8.24
N GLY A 181 -26.23 13.10 -8.56
CA GLY A 181 -26.03 11.90 -9.34
C GLY A 181 -25.51 12.20 -10.73
N TYR A 182 -26.05 13.24 -11.37
CA TYR A 182 -25.59 13.54 -12.72
C TYR A 182 -24.16 14.04 -12.74
N ASP A 183 -23.74 14.76 -11.68
CA ASP A 183 -22.33 15.15 -11.54
C ASP A 183 -21.42 13.94 -11.71
N SER A 184 -21.82 12.79 -11.16
CA SER A 184 -21.05 11.55 -11.38
C SER A 184 -20.95 11.20 -12.85
N ILE A 185 -22.04 11.36 -13.61
CA ILE A 185 -22.01 11.05 -15.04
C ILE A 185 -21.13 12.04 -15.78
N ALA A 186 -21.23 13.32 -15.43
CA ALA A 186 -20.40 14.34 -16.06
C ALA A 186 -18.91 14.12 -15.74
N LEU A 187 -18.61 13.55 -14.56
CA LEU A 187 -17.22 13.30 -14.17
C LEU A 187 -16.73 11.90 -14.53
N GLU A 188 -17.61 11.05 -15.05
CA GLU A 188 -17.30 9.63 -15.26
C GLU A 188 -16.72 9.01 -13.99
N ALA A 189 -17.29 9.41 -12.84
CA ALA A 189 -16.74 8.95 -11.57
C ALA A 189 -16.69 7.44 -11.52
N ASP A 190 -15.55 6.91 -11.06
CA ASP A 190 -15.41 5.50 -10.71
C ASP A 190 -15.72 5.26 -9.25
N VAL A 191 -15.44 6.26 -8.41
CA VAL A 191 -15.63 6.19 -6.96
C VAL A 191 -16.09 7.59 -6.51
N GLU A 192 -17.07 7.62 -5.61
CA GLU A 192 -17.50 8.86 -4.95
C GLU A 192 -17.49 8.61 -3.45
N LEU A 193 -16.91 9.56 -2.70
CA LEU A 193 -16.80 9.49 -1.24
C LEU A 193 -17.72 10.51 -0.59
N GLY A 194 -18.23 10.15 0.58
CA GLY A 194 -19.03 11.07 1.39
C GLY A 194 -19.15 10.49 2.79
N GLY A 195 -19.88 11.22 3.64
CA GLY A 195 -20.03 10.80 5.02
C GLY A 195 -21.03 9.67 5.19
N THR A 196 -21.08 9.15 6.41
CA THR A 196 -21.98 8.05 6.74
C THR A 196 -23.44 8.39 6.43
N ASP A 197 -23.83 9.66 6.55
CA ASP A 197 -25.21 10.07 6.33
C ASP A 197 -25.52 10.40 4.87
N GLN A 198 -24.54 10.30 3.98
CA GLN A 198 -24.74 10.64 2.57
C GLN A 198 -25.05 9.43 1.71
N THR A 199 -25.34 8.28 2.33
CA THR A 199 -25.47 7.03 1.57
C THR A 199 -26.49 7.17 0.45
N PHE A 200 -27.67 7.72 0.77
CA PHE A 200 -28.71 7.88 -0.23
C PHE A 200 -28.21 8.67 -1.42
N ASN A 201 -27.58 9.82 -1.15
CA ASN A 201 -27.15 10.69 -2.25
C ASN A 201 -26.05 10.04 -3.08
N LEU A 202 -25.07 9.42 -2.42
CA LEU A 202 -24.03 8.72 -3.16
C LEU A 202 -24.62 7.61 -4.02
N LEU A 203 -25.59 6.87 -3.49
CA LEU A 203 -26.23 5.81 -4.27
C LEU A 203 -26.96 6.37 -5.49
N MET A 204 -27.31 7.65 -5.50
CA MET A 204 -28.02 8.21 -6.65
C MET A 204 -27.15 8.19 -7.90
N GLY A 205 -25.85 8.49 -7.75
CA GLY A 205 -24.98 8.52 -8.91
C GLY A 205 -24.75 7.13 -9.49
N ARG A 206 -24.60 6.14 -8.61
CA ARG A 206 -24.45 4.76 -9.05
C ARG A 206 -25.67 4.30 -9.86
N THR A 207 -26.86 4.71 -9.44
CA THR A 207 -28.08 4.32 -10.13
C THR A 207 -28.25 5.08 -11.44
N LEU A 208 -28.07 6.40 -11.42
CA LEU A 208 -28.25 7.18 -12.63
C LEU A 208 -27.25 6.77 -13.72
N GLN A 209 -26.01 6.45 -13.34
CA GLN A 209 -25.00 6.10 -14.33
C GLN A 209 -25.48 4.96 -15.22
N SER A 210 -26.00 3.88 -14.60
CA SER A 210 -26.49 2.77 -15.40
CA SER A 210 -26.49 2.77 -15.40
C SER A 210 -27.62 3.20 -16.33
N ARG A 211 -28.49 4.11 -15.84
CA ARG A 211 -29.60 4.59 -16.65
C ARG A 211 -29.12 5.41 -17.85
N TYR A 212 -27.89 5.91 -17.83
CA TYR A 212 -27.35 6.70 -18.93
C TYR A 212 -26.30 5.93 -19.73
N GLY A 213 -26.14 4.63 -19.48
CA GLY A 213 -25.19 3.83 -20.23
C GLY A 213 -23.76 3.80 -19.71
N GLN A 214 -23.52 4.31 -18.52
CA GLN A 214 -22.19 4.30 -17.93
C GLN A 214 -22.02 3.13 -16.97
N GLU A 215 -20.78 2.63 -16.88
CA GLU A 215 -20.37 1.82 -15.75
C GLU A 215 -20.63 2.61 -14.46
N SER A 216 -21.10 1.90 -13.43
CA SER A 216 -21.51 2.57 -12.20
C SER A 216 -20.30 2.89 -11.33
N GLN A 217 -20.49 3.85 -10.42
CA GLN A 217 -19.48 4.18 -9.43
C GLN A 217 -19.61 3.25 -8.22
N VAL A 218 -18.53 3.13 -7.50
CA VAL A 218 -18.54 2.51 -6.18
C VAL A 218 -18.79 3.62 -5.16
N CYS A 219 -19.59 3.32 -4.14
CA CYS A 219 -19.92 4.29 -3.10
C CYS A 219 -19.16 3.92 -1.83
N ILE A 220 -18.44 4.89 -1.27
CA ILE A 220 -17.64 4.69 -0.07
C ILE A 220 -18.00 5.78 0.94
N THR A 221 -18.38 5.36 2.15
CA THR A 221 -18.71 6.28 3.22
C THR A 221 -17.64 6.20 4.30
N VAL A 222 -17.32 7.34 4.89
CA VAL A 222 -16.39 7.41 6.03
C VAL A 222 -17.04 8.26 7.11
N PRO A 223 -16.60 8.11 8.36
CA PRO A 223 -17.16 8.96 9.42
C PRO A 223 -16.80 10.43 9.21
N ILE A 224 -17.82 11.29 9.22
CA ILE A 224 -17.66 12.74 9.25
C ILE A 224 -18.03 13.19 10.65
N LEU A 225 -17.03 13.46 11.48
CA LEU A 225 -17.26 13.81 12.88
C LEU A 225 -17.71 15.27 13.03
N HIS B 7 4.90 11.37 -2.79
CA HIS B 7 5.78 10.49 -3.56
C HIS B 7 6.14 9.18 -2.85
N HIS B 8 5.98 9.16 -1.52
CA HIS B 8 6.20 7.97 -0.71
C HIS B 8 4.95 7.76 0.15
N LEU B 9 4.46 6.51 0.20
CA LEU B 9 3.24 6.24 0.96
C LEU B 9 3.47 6.51 2.44
N PRO B 10 2.44 6.94 3.17
CA PRO B 10 2.60 7.13 4.62
C PRO B 10 3.09 5.87 5.32
N ALA B 11 4.00 6.06 6.29
CA ALA B 11 4.65 4.94 6.95
C ALA B 11 3.63 3.96 7.54
N GLU B 12 2.50 4.48 8.05
CA GLU B 12 1.53 3.62 8.71
C GLU B 12 0.82 2.71 7.72
N GLU B 13 0.61 3.19 6.48
CA GLU B 13 0.02 2.33 5.45
C GLU B 13 1.05 1.33 4.92
N GLN B 14 2.33 1.72 4.85
CA GLN B 14 3.34 0.77 4.41
C GLN B 14 3.44 -0.40 5.38
N LEU B 15 3.39 -0.10 6.69
CA LEU B 15 3.46 -1.15 7.70
C LEU B 15 2.30 -2.13 7.55
N ALA B 16 1.12 -1.64 7.18
CA ALA B 16 -0.03 -2.52 7.03
C ALA B 16 0.19 -3.54 5.91
N LEU B 17 0.84 -3.13 4.82
CA LEU B 17 1.03 -4.04 3.69
C LEU B 17 2.19 -5.00 3.94
N ILE B 18 3.24 -4.52 4.62
CA ILE B 18 4.38 -5.35 4.99
C ILE B 18 3.96 -6.42 5.98
N GLN B 19 3.18 -6.02 7.00
CA GLN B 19 2.73 -6.97 8.02
C GLN B 19 1.99 -8.16 7.42
N ARG B 20 1.19 -7.94 6.36
CA ARG B 20 0.29 -8.96 5.86
C ARG B 20 1.05 -10.22 5.43
N GLY B 21 0.74 -11.34 6.06
CA GLY B 21 1.31 -12.62 5.70
C GLY B 21 2.65 -12.94 6.32
N THR B 22 3.12 -12.14 7.27
CA THR B 22 4.37 -12.39 7.95
C THR B 22 4.12 -13.10 9.28
N HIS B 23 5.06 -13.97 9.66
CA HIS B 23 4.94 -14.68 10.92
C HIS B 23 5.51 -13.87 12.09
N GLU B 24 6.56 -13.09 11.85
CA GLU B 24 7.19 -12.33 12.91
C GLU B 24 7.89 -11.12 12.30
N ILE B 25 7.86 -10.00 13.02
CA ILE B 25 8.68 -8.83 12.72
C ILE B 25 9.41 -8.49 14.02
N ILE B 26 10.74 -8.43 13.96
CA ILE B 26 11.52 -8.18 15.17
C ILE B 26 11.63 -6.68 15.37
N SER B 27 10.79 -6.16 16.28
CA SER B 27 10.50 -4.74 16.49
C SER B 27 9.81 -4.13 15.28
N GLU B 28 8.48 -4.13 15.28
CA GLU B 28 7.75 -3.23 14.39
C GLU B 28 8.07 -1.78 14.73
N GLU B 29 8.48 -1.51 15.97
CA GLU B 29 8.89 -0.15 16.35
C GLU B 29 10.14 0.26 15.60
N ASP B 30 11.06 -0.68 15.37
CA ASP B 30 12.24 -0.36 14.59
C ASP B 30 11.90 -0.17 13.12
N LEU B 31 10.92 -0.91 12.61
CA LEU B 31 10.50 -0.75 11.22
C LEU B 31 9.72 0.55 11.01
N LEU B 32 8.81 0.87 11.92
CA LEU B 32 8.06 2.13 11.79
C LEU B 32 9.00 3.32 11.77
N LYS B 33 9.99 3.35 12.67
CA LYS B 33 11.02 4.38 12.67
C LYS B 33 11.69 4.48 11.30
N LYS B 34 12.15 3.34 10.76
CA LYS B 34 12.76 3.34 9.44
C LYS B 34 11.81 3.87 8.37
N LEU B 35 10.53 3.48 8.41
CA LEU B 35 9.62 3.92 7.36
C LEU B 35 9.33 5.42 7.48
N LYS B 36 9.25 5.95 8.69
CA LYS B 36 9.03 7.40 8.83
C LYS B 36 10.23 8.21 8.33
N GLU B 37 11.37 7.57 8.07
CA GLU B 37 12.54 8.32 7.59
C GLU B 37 12.36 8.81 6.16
N ASN B 38 11.45 8.20 5.39
CA ASN B 38 11.12 8.65 4.04
C ASN B 38 12.28 8.42 3.06
N ARG B 39 12.97 7.30 3.20
CA ARG B 39 14.06 6.97 2.30
C ARG B 39 13.90 5.54 1.81
N PRO B 40 14.52 5.19 0.67
CA PRO B 40 14.51 3.80 0.23
C PRO B 40 15.27 2.91 1.21
N LEU B 41 14.59 1.89 1.71
CA LEU B 41 15.20 0.96 2.65
C LEU B 41 15.90 -0.17 1.90
N LYS B 42 17.08 -0.54 2.38
CA LYS B 42 17.86 -1.61 1.78
C LYS B 42 17.33 -2.94 2.29
N ILE B 43 16.71 -3.71 1.40
CA ILE B 43 16.01 -4.94 1.74
C ILE B 43 16.88 -6.10 1.28
N LYS B 44 17.31 -6.93 2.22
CA LYS B 44 18.22 -8.04 1.94
C LYS B 44 17.46 -9.36 1.99
N ALA B 45 17.65 -10.20 0.98
CA ALA B 45 17.10 -11.55 0.99
C ALA B 45 18.15 -12.49 0.43
N GLY B 46 18.61 -13.43 1.24
CA GLY B 46 19.76 -14.27 0.90
C GLY B 46 19.38 -15.67 0.48
N PHE B 47 20.03 -16.15 -0.59
CA PHE B 47 19.75 -17.49 -1.12
C PHE B 47 21.02 -18.29 -1.28
N ASP B 48 20.99 -19.53 -0.76
CA ASP B 48 22.08 -20.49 -0.96
C ASP B 48 21.98 -21.09 -2.36
N PRO B 49 23.07 -21.12 -3.13
CA PRO B 49 22.96 -21.51 -4.54
C PRO B 49 23.24 -22.99 -4.82
N THR B 50 22.91 -23.90 -3.88
CA THR B 50 23.19 -25.30 -4.09
C THR B 50 22.08 -26.00 -4.90
N ALA B 51 20.84 -25.53 -4.79
CA ALA B 51 19.67 -26.14 -5.43
C ALA B 51 19.61 -25.79 -6.91
N PRO B 52 19.07 -26.70 -7.73
CA PRO B 52 18.83 -26.33 -9.14
C PRO B 52 17.84 -25.20 -9.32
N ASP B 53 16.85 -25.05 -8.43
CA ASP B 53 15.85 -23.99 -8.59
C ASP B 53 15.32 -23.57 -7.23
N LEU B 54 14.56 -22.47 -7.22
CA LEU B 54 13.80 -22.07 -6.05
C LEU B 54 12.46 -22.79 -6.09
N HIS B 55 12.18 -23.62 -5.10
CA HIS B 55 10.91 -24.33 -5.08
C HIS B 55 9.78 -23.34 -4.85
N LEU B 56 8.58 -23.70 -5.33
CA LEU B 56 7.45 -22.76 -5.36
C LEU B 56 7.04 -22.27 -3.99
N GLY B 57 7.53 -22.89 -2.91
CA GLY B 57 7.25 -22.40 -1.56
C GLY B 57 7.90 -21.06 -1.27
N HIS B 58 8.86 -20.63 -2.10
CA HIS B 58 9.44 -19.31 -1.98
C HIS B 58 8.50 -18.19 -2.44
N THR B 59 7.32 -18.54 -2.94
CA THR B 59 6.45 -17.57 -3.61
C THR B 59 6.08 -16.41 -2.68
N VAL B 60 5.65 -16.72 -1.46
CA VAL B 60 5.26 -15.66 -0.53
C VAL B 60 6.45 -14.76 -0.23
N LEU B 61 7.64 -15.35 -0.08
CA LEU B 61 8.83 -14.55 0.18
C LEU B 61 9.10 -13.58 -0.97
N ILE B 62 9.00 -14.08 -2.20
CA ILE B 62 9.31 -13.22 -3.35
C ILE B 62 8.21 -12.17 -3.53
N ASN B 63 6.96 -12.54 -3.24
CA ASN B 63 5.86 -11.57 -3.26
C ASN B 63 6.06 -10.46 -2.25
N LYS B 64 6.67 -10.78 -1.09
CA LYS B 64 6.90 -9.76 -0.07
C LYS B 64 8.02 -8.83 -0.48
N LEU B 65 9.08 -9.37 -1.09
CA LEU B 65 10.08 -8.51 -1.71
C LEU B 65 9.46 -7.58 -2.74
N LYS B 66 8.49 -8.10 -3.53
CA LYS B 66 7.76 -7.25 -4.48
C LYS B 66 6.96 -6.15 -3.79
N THR B 67 6.37 -6.44 -2.63
CA THR B 67 5.68 -5.40 -1.88
C THR B 67 6.64 -4.29 -1.45
N PHE B 68 7.82 -4.67 -0.99
CA PHE B 68 8.83 -3.68 -0.61
C PHE B 68 9.26 -2.85 -1.81
N GLN B 69 9.44 -3.51 -2.95
CA GLN B 69 9.96 -2.85 -4.13
C GLN B 69 8.92 -1.90 -4.74
N ASP B 70 7.64 -2.28 -4.67
CA ASP B 70 6.59 -1.39 -5.17
C ASP B 70 6.43 -0.17 -4.28
N LEU B 71 6.74 -0.30 -2.98
CA LEU B 71 6.70 0.81 -2.04
C LEU B 71 7.93 1.70 -2.14
N GLY B 72 8.86 1.39 -3.04
CA GLY B 72 10.00 2.24 -3.28
C GLY B 72 11.31 1.85 -2.63
N HIS B 73 11.34 0.75 -1.87
CA HIS B 73 12.56 0.34 -1.19
C HIS B 73 13.39 -0.58 -2.09
N GLU B 74 14.70 -0.64 -1.81
CA GLU B 74 15.65 -1.29 -2.70
C GLU B 74 15.90 -2.73 -2.25
N VAL B 75 15.56 -3.69 -3.13
CA VAL B 75 15.74 -5.10 -2.83
C VAL B 75 17.10 -5.55 -3.31
N THR B 76 17.87 -6.15 -2.42
CA THR B 76 19.10 -6.83 -2.82
C THR B 76 18.83 -8.32 -2.77
N PHE B 77 19.00 -8.96 -3.91
CA PHE B 77 18.91 -10.40 -4.01
C PHE B 77 20.32 -10.95 -3.83
N LEU B 78 20.57 -11.63 -2.70
CA LEU B 78 21.91 -12.02 -2.28
C LEU B 78 22.12 -13.52 -2.48
N ILE B 79 23.20 -13.87 -3.19
CA ILE B 79 23.60 -15.26 -3.38
C ILE B 79 24.72 -15.58 -2.40
N GLY B 80 24.49 -16.53 -1.50
CA GLY B 80 25.50 -16.94 -0.55
C GLY B 80 26.47 -17.94 -1.14
N ASP B 81 27.26 -17.49 -2.13
CA ASP B 81 28.20 -18.37 -2.81
C ASP B 81 29.49 -18.59 -2.02
N TYR B 82 29.88 -17.63 -1.18
CA TYR B 82 31.21 -17.67 -0.55
C TYR B 82 31.44 -18.97 0.19
N THR B 83 30.51 -19.34 1.08
CA THR B 83 30.70 -20.53 1.89
C THR B 83 30.52 -21.81 1.07
N ALA B 84 29.76 -21.73 -0.02
CA ALA B 84 29.43 -22.89 -0.83
C ALA B 84 30.57 -23.30 -1.75
N MET B 85 31.50 -22.39 -2.02
CA MET B 85 32.67 -22.70 -2.84
C MET B 85 33.91 -23.05 -2.03
N ILE B 86 33.78 -23.25 -0.72
CA ILE B 86 34.92 -23.56 0.12
C ILE B 86 34.92 -25.06 0.37
N GLY B 87 35.90 -25.77 -0.20
CA GLY B 87 35.96 -27.20 -0.11
C GLY B 87 37.00 -27.65 0.91
N ASP B 88 37.10 -28.97 1.05
CA ASP B 88 37.90 -29.54 2.11
C ASP B 88 39.40 -29.48 1.78
N PRO B 89 40.24 -29.35 2.80
CA PRO B 89 41.69 -29.38 2.59
C PRO B 89 42.16 -30.78 2.21
N THR B 90 42.73 -30.91 1.02
CA THR B 90 43.18 -32.21 0.54
C THR B 90 44.37 -32.71 1.36
N GLY B 91 44.80 -33.93 1.05
CA GLY B 91 45.83 -34.62 1.81
C GLY B 91 45.40 -36.06 2.02
N LYS B 92 44.48 -36.28 2.95
CA LYS B 92 43.73 -37.53 2.99
C LYS B 92 42.70 -37.52 1.87
N SER B 93 42.70 -38.58 1.05
CA SER B 93 41.95 -38.56 -0.19
C SER B 93 40.43 -38.65 0.06
N ALA B 94 39.68 -38.46 -1.02
CA ALA B 94 38.25 -38.74 -1.08
C ALA B 94 37.45 -37.79 -0.19
N THR B 95 37.47 -36.51 -0.57
CA THR B 95 36.64 -35.48 0.04
C THR B 95 35.75 -34.87 -1.04
N ARG B 96 34.46 -34.72 -0.71
CA ARG B 96 33.48 -34.31 -1.69
C ARG B 96 33.69 -32.85 -2.12
N PRO B 97 33.41 -32.54 -3.39
CA PRO B 97 33.74 -31.23 -3.91
C PRO B 97 32.79 -30.15 -3.40
N PRO B 98 33.27 -28.93 -3.25
CA PRO B 98 32.39 -27.78 -3.07
C PRO B 98 31.80 -27.42 -4.43
N LEU B 99 30.93 -26.41 -4.43
CA LEU B 99 30.40 -25.87 -5.67
C LEU B 99 31.49 -25.12 -6.42
N SER B 100 31.62 -25.39 -7.71
CA SER B 100 32.48 -24.58 -8.54
C SER B 100 31.87 -23.20 -8.78
N ARG B 101 32.70 -22.28 -9.27
CA ARG B 101 32.21 -20.99 -9.76
C ARG B 101 31.16 -21.19 -10.84
N GLU B 102 31.40 -22.13 -11.73
CA GLU B 102 30.50 -22.36 -12.85
C GLU B 102 29.12 -22.82 -12.37
N GLN B 103 29.08 -23.57 -11.27
CA GLN B 103 27.81 -24.08 -10.75
C GLN B 103 27.01 -22.96 -10.06
N VAL B 104 27.69 -22.09 -9.31
CA VAL B 104 27.02 -20.95 -8.68
C VAL B 104 26.41 -20.05 -9.75
N GLU B 105 27.22 -19.68 -10.76
CA GLU B 105 26.74 -18.82 -11.81
C GLU B 105 25.57 -19.43 -12.58
N ALA B 106 25.60 -20.75 -12.78
CA ALA B 106 24.51 -21.37 -13.54
C ALA B 106 23.26 -21.57 -12.67
N ASN B 107 23.45 -21.94 -11.40
CA ASN B 107 22.29 -22.09 -10.54
C ASN B 107 21.64 -20.73 -10.28
N ALA B 108 22.45 -19.67 -10.14
CA ALA B 108 21.92 -18.35 -9.82
C ALA B 108 21.24 -17.72 -11.03
N LYS B 109 21.73 -18.01 -12.24
CA LYS B 109 21.06 -17.54 -13.45
C LYS B 109 19.64 -18.10 -13.53
N THR B 110 19.44 -19.35 -13.09
CA THR B 110 18.10 -19.92 -13.04
C THR B 110 17.25 -19.25 -11.96
N TYR B 111 17.85 -18.93 -10.81
CA TYR B 111 17.10 -18.22 -9.78
C TYR B 111 16.63 -16.87 -10.31
N GLN B 112 17.47 -16.19 -11.08
CA GLN B 112 17.13 -14.84 -11.51
C GLN B 112 15.99 -14.85 -12.54
N GLU B 113 16.00 -15.81 -13.45
CA GLU B 113 14.90 -15.91 -14.40
C GLU B 113 13.59 -16.27 -13.70
N GLN B 114 13.67 -16.99 -12.58
CA GLN B 114 12.47 -17.25 -11.79
C GLN B 114 11.99 -15.98 -11.07
N VAL B 115 12.92 -15.25 -10.44
CA VAL B 115 12.54 -14.11 -9.59
C VAL B 115 12.05 -12.94 -10.43
N PHE B 116 12.59 -12.75 -11.64
CA PHE B 116 12.26 -11.59 -12.46
C PHE B 116 11.05 -11.81 -13.37
N LYS B 117 10.28 -12.87 -13.12
CA LYS B 117 8.88 -12.86 -13.53
C LYS B 117 8.02 -12.12 -12.51
N ILE B 118 8.50 -11.99 -11.28
CA ILE B 118 7.79 -11.31 -10.19
C ILE B 118 8.41 -9.94 -9.90
N LEU B 119 9.70 -9.90 -9.63
CA LEU B 119 10.39 -8.65 -9.33
C LEU B 119 10.80 -7.95 -10.63
N ASP B 120 11.05 -6.64 -10.52
CA ASP B 120 11.53 -5.86 -11.65
C ASP B 120 13.05 -5.93 -11.69
N PRO B 121 13.66 -6.49 -12.74
CA PRO B 121 15.13 -6.55 -12.80
C PRO B 121 15.81 -5.19 -12.81
N ASN B 122 15.17 -4.16 -13.36
CA ASN B 122 15.74 -2.83 -13.43
C ASN B 122 15.69 -2.09 -12.11
N LYS B 123 15.16 -2.71 -11.06
CA LYS B 123 15.03 -2.08 -9.75
C LYS B 123 15.50 -2.98 -8.63
N THR B 124 15.95 -4.20 -8.96
CA THR B 124 16.48 -5.19 -8.05
C THR B 124 17.98 -5.22 -8.20
N LYS B 125 18.69 -5.43 -7.08
CA LYS B 125 20.13 -5.58 -7.06
C LYS B 125 20.46 -7.04 -6.81
N VAL B 126 21.35 -7.61 -7.62
CA VAL B 126 21.79 -9.00 -7.46
C VAL B 126 23.24 -8.99 -6.99
N ARG B 127 23.50 -9.54 -5.81
CA ARG B 127 24.85 -9.55 -5.24
C ARG B 127 25.25 -10.97 -4.84
N PHE B 128 26.55 -11.24 -4.91
CA PHE B 128 27.16 -12.46 -4.40
C PHE B 128 28.01 -12.08 -3.20
N ASN B 129 27.76 -12.72 -2.05
CA ASN B 129 28.48 -12.29 -0.86
C ASN B 129 29.98 -12.61 -0.92
N SER B 130 30.44 -13.39 -1.90
CA SER B 130 31.87 -13.49 -2.15
C SER B 130 32.47 -12.13 -2.53
N GLU B 131 31.63 -11.16 -2.93
CA GLU B 131 32.12 -9.86 -3.35
C GLU B 131 32.92 -9.15 -2.25
N TRP B 132 32.47 -9.25 -1.00
CA TRP B 132 33.25 -8.69 0.11
C TRP B 132 34.05 -9.75 0.85
N PHE B 133 33.59 -11.00 0.84
CA PHE B 133 34.22 -12.00 1.70
C PHE B 133 35.48 -12.62 1.09
N ASN B 134 35.69 -12.51 -0.23
CA ASN B 134 36.97 -12.90 -0.78
C ASN B 134 38.09 -11.98 -0.32
N GLN B 135 37.75 -10.74 0.06
CA GLN B 135 38.73 -9.74 0.45
C GLN B 135 39.01 -9.75 1.96
N LYS B 136 38.32 -10.59 2.72
CA LYS B 136 38.50 -10.67 4.16
C LYS B 136 39.64 -11.64 4.50
N SER B 137 40.45 -11.25 5.49
CA SER B 137 41.53 -12.07 5.99
C SER B 137 41.04 -13.02 7.08
N ALA B 138 41.88 -13.99 7.42
CA ALA B 138 41.63 -14.85 8.58
C ALA B 138 41.48 -14.02 9.85
N ALA B 139 42.30 -12.98 9.99
CA ALA B 139 42.19 -12.09 11.14
C ALA B 139 40.80 -11.44 11.20
N ASP B 140 40.26 -11.02 10.04
CA ASP B 140 38.91 -10.44 10.00
C ASP B 140 37.87 -11.43 10.51
N LEU B 141 38.03 -12.71 10.18
CA LEU B 141 37.08 -13.74 10.61
C LEU B 141 37.24 -14.09 12.08
N ILE B 142 38.48 -14.15 12.57
CA ILE B 142 38.70 -14.24 14.02
C ILE B 142 37.98 -13.09 14.73
N GLN B 143 38.14 -11.88 14.19
CA GLN B 143 37.51 -10.71 14.80
C GLN B 143 35.99 -10.88 14.84
N LEU B 144 35.41 -11.40 13.75
CA LEU B 144 33.98 -11.65 13.71
C LEU B 144 33.56 -12.69 14.75
N ALA B 145 34.34 -13.78 14.86
CA ALA B 145 33.94 -14.90 15.71
C ALA B 145 34.00 -14.57 17.20
N SER B 146 34.68 -13.49 17.59
CA SER B 146 34.69 -13.07 18.99
C SER B 146 33.38 -12.42 19.44
N GLN B 147 32.40 -12.23 18.57
CA GLN B 147 31.20 -11.51 18.91
C GLN B 147 30.05 -12.44 19.31
N GLN B 148 30.28 -13.75 19.35
CA GLN B 148 29.25 -14.71 19.69
C GLN B 148 29.88 -15.81 20.54
N THR B 149 29.07 -16.38 21.44
CA THR B 149 29.53 -17.43 22.33
C THR B 149 29.08 -18.79 21.84
N VAL B 150 29.80 -19.82 22.29
CA VAL B 150 29.46 -21.20 21.93
C VAL B 150 28.08 -21.56 22.46
N SER B 151 27.78 -21.15 23.70
CA SER B 151 26.48 -21.44 24.27
C SER B 151 25.36 -20.84 23.44
N ARG B 152 25.53 -19.59 22.99
CA ARG B 152 24.50 -18.95 22.18
C ARG B 152 24.37 -19.63 20.83
N MET B 153 25.50 -19.89 20.18
CA MET B 153 25.48 -20.53 18.87
C MET B 153 24.80 -21.90 18.94
N LEU B 154 24.97 -22.61 20.06
CA LEU B 154 24.38 -23.92 20.24
C LEU B 154 22.87 -23.87 20.47
N GLU B 155 22.31 -22.69 20.70
CA GLU B 155 20.88 -22.57 20.94
C GLU B 155 20.06 -22.73 19.67
N ARG B 156 20.68 -22.68 18.50
CA ARG B 156 19.97 -22.92 17.25
C ARG B 156 19.36 -24.31 17.27
N ASP B 157 18.08 -24.41 16.87
CA ASP B 157 17.33 -25.64 17.06
C ASP B 157 18.00 -26.85 16.42
N ASP B 158 18.69 -26.65 15.29
CA ASP B 158 19.31 -27.80 14.62
C ASP B 158 20.61 -28.20 15.30
N PHE B 159 21.39 -27.21 15.76
CA PHE B 159 22.57 -27.50 16.57
C PHE B 159 22.20 -28.20 17.86
N THR B 160 21.03 -27.87 18.41
CA THR B 160 20.60 -28.44 19.68
C THR B 160 20.31 -29.93 19.56
N LYS B 161 19.60 -30.34 18.49
CA LYS B 161 19.31 -31.76 18.29
C LYS B 161 20.59 -32.54 18.01
N ARG B 162 21.43 -32.03 17.10
CA ARG B 162 22.65 -32.74 16.73
C ARG B 162 23.58 -32.88 17.93
N TYR B 163 23.70 -31.82 18.74
CA TYR B 163 24.60 -31.90 19.91
C TYR B 163 24.05 -32.89 20.94
N ASN B 164 22.75 -32.84 21.21
CA ASN B 164 22.18 -33.76 22.18
C ASN B 164 22.16 -35.19 21.66
N ASN B 165 22.00 -35.38 20.35
CA ASN B 165 22.15 -36.70 19.76
C ASN B 165 23.61 -37.14 19.67
N HIS B 166 24.50 -36.42 20.36
CA HIS B 166 25.94 -36.69 20.36
C HIS B 166 26.46 -36.88 18.94
N GLN B 167 25.88 -36.15 17.96
CA GLN B 167 26.24 -36.15 16.54
C GLN B 167 27.18 -34.98 16.25
N PRO B 168 28.23 -35.18 15.46
CA PRO B 168 29.31 -34.17 15.39
C PRO B 168 28.87 -32.90 14.67
N ILE B 169 29.18 -31.77 15.29
CA ILE B 169 29.06 -30.45 14.68
C ILE B 169 30.46 -29.91 14.42
N ALA B 170 30.81 -29.69 13.15
CA ALA B 170 32.11 -29.12 12.82
C ALA B 170 32.12 -27.63 13.16
N ILE B 171 33.33 -27.10 13.38
CA ILE B 171 33.44 -25.76 13.96
C ILE B 171 33.07 -24.68 12.95
N HIS B 172 33.41 -24.88 11.67
CA HIS B 172 33.07 -23.85 10.69
C HIS B 172 31.57 -23.64 10.55
N GLU B 173 30.75 -24.64 10.90
CA GLU B 173 29.30 -24.44 10.87
C GLU B 173 28.88 -23.34 11.82
N PHE B 174 29.64 -23.14 12.91
CA PHE B 174 29.42 -22.02 13.82
C PHE B 174 29.84 -20.70 13.20
N LEU B 175 30.62 -20.73 12.12
CA LEU B 175 31.04 -19.49 11.48
C LEU B 175 30.07 -19.04 10.37
N TYR B 176 29.32 -19.96 9.77
CA TYR B 176 28.35 -19.59 8.74
C TYR B 176 27.36 -18.52 9.19
N PRO B 177 26.69 -18.63 10.37
CA PRO B 177 25.80 -17.54 10.79
C PRO B 177 26.52 -16.22 11.02
N LEU B 178 27.79 -16.27 11.41
CA LEU B 178 28.58 -15.05 11.47
C LEU B 178 28.78 -14.47 10.08
N VAL B 179 29.03 -15.34 9.10
CA VAL B 179 29.10 -14.89 7.71
C VAL B 179 27.80 -14.22 7.28
N GLN B 180 26.67 -14.86 7.56
CA GLN B 180 25.39 -14.30 7.13
C GLN B 180 25.13 -12.96 7.79
N GLY B 181 25.53 -12.82 9.05
CA GLY B 181 25.30 -11.57 9.77
C GLY B 181 26.16 -10.44 9.24
N TYR B 182 27.41 -10.73 8.90
CA TYR B 182 28.27 -9.69 8.37
C TYR B 182 27.78 -9.19 7.01
N ASP B 183 27.18 -10.08 6.20
CA ASP B 183 26.57 -9.65 4.94
C ASP B 183 25.60 -8.49 5.16
N SER B 184 24.87 -8.51 6.27
CA SER B 184 24.01 -7.37 6.59
C SER B 184 24.81 -6.10 6.81
N ILE B 185 26.00 -6.22 7.39
CA ILE B 185 26.84 -5.04 7.63
C ILE B 185 27.36 -4.48 6.31
N ALA B 186 27.81 -5.36 5.42
CA ALA B 186 28.35 -4.91 4.14
C ALA B 186 27.24 -4.41 3.22
N LEU B 187 26.03 -4.94 3.36
CA LEU B 187 24.91 -4.43 2.57
C LEU B 187 24.28 -3.18 3.17
N GLU B 188 24.63 -2.82 4.41
CA GLU B 188 23.95 -1.77 5.16
C GLU B 188 22.47 -2.09 5.27
N ALA B 189 22.16 -3.36 5.51
CA ALA B 189 20.78 -3.84 5.42
C ALA B 189 19.88 -3.15 6.45
N ASP B 190 18.73 -2.66 5.98
CA ASP B 190 17.64 -2.14 6.79
C ASP B 190 16.64 -3.21 7.21
N VAL B 191 16.37 -4.14 6.31
CA VAL B 191 15.46 -5.25 6.54
C VAL B 191 16.08 -6.49 5.90
N GLU B 192 16.00 -7.62 6.60
CA GLU B 192 16.31 -8.91 6.04
C GLU B 192 15.08 -9.80 6.18
N LEU B 193 14.78 -10.55 5.12
CA LEU B 193 13.64 -11.44 5.07
C LEU B 193 14.12 -12.88 4.98
N GLY B 194 13.37 -13.79 5.59
CA GLY B 194 13.73 -15.20 5.52
C GLY B 194 12.55 -16.04 5.95
N GLY B 195 12.73 -17.36 5.83
CA GLY B 195 11.68 -18.28 6.23
C GLY B 195 11.50 -18.31 7.74
N THR B 196 10.34 -18.87 8.16
CA THR B 196 10.03 -18.98 9.58
C THR B 196 11.15 -19.61 10.40
N ASP B 197 11.96 -20.48 9.80
CA ASP B 197 13.01 -21.20 10.52
C ASP B 197 14.34 -20.45 10.57
N GLN B 198 14.57 -19.47 9.71
CA GLN B 198 15.82 -18.73 9.67
C GLN B 198 15.91 -17.65 10.75
N THR B 199 15.05 -17.70 11.77
CA THR B 199 14.98 -16.60 12.73
C THR B 199 16.33 -16.37 13.42
N PHE B 200 16.97 -17.46 13.86
CA PHE B 200 18.28 -17.34 14.48
C PHE B 200 19.25 -16.60 13.56
N ASN B 201 19.39 -17.08 12.34
CA ASN B 201 20.35 -16.50 11.40
C ASN B 201 20.00 -15.06 11.07
N LEU B 202 18.71 -14.76 10.86
CA LEU B 202 18.31 -13.37 10.63
C LEU B 202 18.72 -12.49 11.80
N LEU B 203 18.45 -12.93 13.03
CA LEU B 203 18.85 -12.18 14.21
C LEU B 203 20.35 -11.93 14.28
N MET B 204 21.16 -12.78 13.64
CA MET B 204 22.60 -12.61 13.74
C MET B 204 23.05 -11.28 13.12
N GLY B 205 22.45 -10.91 11.99
CA GLY B 205 22.80 -9.63 11.38
C GLY B 205 22.36 -8.45 12.22
N ARG B 206 21.19 -8.56 12.84
CA ARG B 206 20.72 -7.54 13.76
C ARG B 206 21.69 -7.34 14.92
N THR B 207 22.17 -8.45 15.50
CA THR B 207 23.12 -8.36 16.62
C THR B 207 24.45 -7.77 16.17
N LEU B 208 25.04 -8.31 15.10
CA LEU B 208 26.38 -7.90 14.71
C LEU B 208 26.44 -6.44 14.27
N GLN B 209 25.37 -5.94 13.63
CA GLN B 209 25.35 -4.56 13.16
C GLN B 209 25.55 -3.58 14.32
N SER B 210 24.77 -3.74 15.40
CA SER B 210 24.98 -2.91 16.57
C SER B 210 26.40 -3.05 17.08
N ARG B 211 26.92 -4.28 17.06
CA ARG B 211 28.28 -4.58 17.51
C ARG B 211 29.36 -3.89 16.67
N TYR B 212 29.02 -3.40 15.48
CA TYR B 212 29.96 -2.75 14.59
C TYR B 212 29.59 -1.29 14.33
N GLY B 213 28.68 -0.74 15.15
CA GLY B 213 28.31 0.66 15.05
C GLY B 213 27.14 0.96 14.15
N GLN B 214 26.74 0.03 13.29
CA GLN B 214 25.65 0.28 12.36
C GLN B 214 24.30 0.27 13.07
N GLU B 215 23.37 1.08 12.55
CA GLU B 215 21.96 0.89 12.85
C GLU B 215 21.53 -0.52 12.46
N SER B 216 20.70 -1.14 13.30
CA SER B 216 20.38 -2.55 13.10
C SER B 216 19.30 -2.74 12.04
N GLN B 217 19.22 -3.96 11.53
CA GLN B 217 18.17 -4.35 10.60
C GLN B 217 16.95 -4.86 11.36
N VAL B 218 15.78 -4.70 10.75
CA VAL B 218 14.59 -5.40 11.21
C VAL B 218 14.56 -6.78 10.58
N CYS B 219 14.22 -7.78 11.38
CA CYS B 219 14.08 -9.15 10.89
C CYS B 219 12.61 -9.45 10.61
N ILE B 220 12.34 -10.00 9.43
CA ILE B 220 10.99 -10.35 8.99
C ILE B 220 11.01 -11.79 8.49
N THR B 221 10.06 -12.60 8.95
CA THR B 221 10.00 -14.01 8.58
C THR B 221 8.65 -14.30 7.93
N VAL B 222 8.68 -15.05 6.84
CA VAL B 222 7.46 -15.50 6.17
C VAL B 222 7.51 -17.01 6.05
N PRO B 223 6.37 -17.68 5.90
CA PRO B 223 6.39 -19.13 5.69
C PRO B 223 6.92 -19.50 4.32
N ILE B 224 7.67 -20.61 4.29
CA ILE B 224 8.24 -21.18 3.07
C ILE B 224 7.56 -22.52 2.81
N LEU B 225 6.52 -22.53 1.99
CA LEU B 225 5.74 -23.74 1.73
C LEU B 225 6.57 -24.78 0.97
C1 EDO C . -22.38 17.93 -3.38
O1 EDO C . -21.97 16.63 -3.85
C2 EDO C . -22.49 17.95 -1.85
O2 EDO C . -23.88 17.87 -1.47
C1 EDO D . -25.92 19.38 -5.53
O1 EDO D . -26.59 19.70 -4.31
C2 EDO D . -24.75 20.35 -5.74
O2 EDO D . -25.17 21.56 -6.41
C1 EDO E . -18.76 30.07 -10.24
O1 EDO E . -20.03 29.82 -9.62
C2 EDO E . -17.68 29.33 -9.49
O2 EDO E . -16.41 29.53 -10.13
C1 EDO F . 22.98 -15.21 2.39
O1 EDO F . 24.28 -15.78 2.62
C2 EDO F . 22.49 -14.52 3.66
O2 EDO F . 23.48 -13.60 4.14
C1 EDO G . 23.30 -28.70 -8.38
O1 EDO G . 24.38 -27.79 -8.64
C2 EDO G . 22.00 -28.06 -8.87
O2 EDO G . 22.16 -27.62 -10.21
C1 EDO H . 26.78 -17.48 3.65
O1 EDO H . 27.44 -18.10 2.54
C2 EDO H . 25.61 -18.32 4.13
O2 EDO H . 26.05 -19.24 5.14
C1 EDO I . 20.69 -17.84 3.87
O1 EDO I . 22.11 -17.91 3.90
C2 EDO I . 20.18 -19.09 3.15
O2 EDO I . 20.97 -20.21 3.56
#